data_1BM1
#
_entry.id   1BM1
#
_cell.length_a   104.700
_cell.length_b   104.700
_cell.length_c   114.100
_cell.angle_alpha   90.00
_cell.angle_beta   90.00
_cell.angle_gamma   120.00
#
_symmetry.space_group_name_H-M   'P 6 2 2'
#
loop_
_entity.id
_entity.type
_entity.pdbx_description
1 polymer BACTERIORHODOPSIN
2 non-polymer RETINAL
3 non-polymer 'PHOSPHORIC ACID 2,3-BIS-(3,7,11,15-TETRAMETHYL-HEXADECYLOXY)-PROPYL ESTER 2-HYDROXO-3-PHOSPHONOOXY-PROPYL ESTER'
#
_entity_poly.entity_id   1
_entity_poly.type   'polypeptide(L)'
_entity_poly.pdbx_seq_one_letter_code
;(PCA)AQITGRPEWIWLALGTALMGLGTLYFLVKGMGVSDPDAKKFYAITTLVPAIAFTMYLSMLLGYGLTMVPFGGEQN
PIYWARYADWLFTTPLLLLDLALLVDADQGTILALVGADGIMIGTGLVGALTKVYSYRFVWWAISTAAMLYILYVLFFGF
TSKAESMRPEVASTFKVLRNVTVVLWSAYPVVWLIGSEGAGIVPLNIETLLFMVLDVSAKVGFGLILLRSRAIFGEAEAP
EPSAGDGAAATS
;
_entity_poly.pdbx_strand_id   A
#
loop_
_chem_comp.id
_chem_comp.type
_chem_comp.name
_chem_comp.formula
DPG non-polymer 'PHOSPHORIC ACID 2,3-BIS-(3,7,11,15-TETRAMETHYL-HEXADECYLOXY)-PROPYL ESTER 2-HYDROXO-3-PHOSPHONOOXY-PROPYL ESTER' 'C46 H96 O11 P2'
RET non-polymer RETINAL 'C20 H28 O'
#
# COMPACT_ATOMS: atom_id res chain seq x y z
N ARG A 7 -21.65 7.48 -9.60
CA ARG A 7 -20.89 6.36 -10.20
C ARG A 7 -21.03 5.17 -9.25
N PRO A 8 -20.99 3.94 -9.78
CA PRO A 8 -21.12 2.72 -8.95
C PRO A 8 -19.90 2.50 -8.06
N GLU A 9 -18.87 3.32 -8.25
CA GLU A 9 -17.64 3.23 -7.47
C GLU A 9 -17.87 3.39 -5.98
N TRP A 10 -19.04 3.93 -5.61
CA TRP A 10 -19.39 4.11 -4.20
C TRP A 10 -19.63 2.75 -3.54
N ILE A 11 -20.00 1.76 -4.35
CA ILE A 11 -20.27 0.43 -3.84
C ILE A 11 -18.98 -0.37 -3.71
N TRP A 12 -17.86 0.28 -4.03
CA TRP A 12 -16.54 -0.31 -3.92
C TRP A 12 -15.81 0.37 -2.76
N LEU A 13 -16.07 1.66 -2.60
CA LEU A 13 -15.49 2.44 -1.51
C LEU A 13 -16.21 1.96 -0.27
N ALA A 14 -17.54 1.83 -0.38
CA ALA A 14 -18.38 1.37 0.71
C ALA A 14 -17.96 -0.02 1.18
N LEU A 15 -17.66 -0.88 0.20
CA LEU A 15 -17.23 -2.25 0.46
C LEU A 15 -15.88 -2.23 1.17
N GLY A 16 -14.99 -1.37 0.68
CA GLY A 16 -13.66 -1.25 1.26
C GLY A 16 -13.67 -0.73 2.68
N THR A 17 -14.25 0.44 2.88
CA THR A 17 -14.34 1.04 4.19
C THR A 17 -14.89 0.03 5.20
N ALA A 18 -15.76 -0.86 4.72
CA ALA A 18 -16.35 -1.89 5.56
C ALA A 18 -15.31 -2.89 6.00
N LEU A 19 -14.61 -3.45 5.03
CA LEU A 19 -13.57 -4.44 5.29
C LEU A 19 -12.38 -3.89 6.06
N MET A 20 -11.78 -2.80 5.56
CA MET A 20 -10.62 -2.19 6.21
C MET A 20 -10.94 -1.89 7.67
N GLY A 21 -12.12 -1.33 7.91
CA GLY A 21 -12.53 -1.01 9.26
C GLY A 21 -12.72 -2.25 10.11
N LEU A 22 -13.23 -3.31 9.51
CA LEU A 22 -13.43 -4.57 10.22
C LEU A 22 -12.09 -5.22 10.52
N GLY A 23 -11.21 -5.24 9.52
CA GLY A 23 -9.88 -5.81 9.69
C GLY A 23 -9.10 -5.07 10.77
N THR A 24 -9.43 -3.80 10.97
CA THR A 24 -8.80 -2.97 11.99
C THR A 24 -9.34 -3.38 13.37
N LEU A 25 -10.64 -3.61 13.43
CA LEU A 25 -11.30 -4.01 14.66
C LEU A 25 -10.88 -5.42 15.05
N TYR A 26 -10.46 -6.19 14.06
CA TYR A 26 -10.04 -7.56 14.26
C TYR A 26 -8.65 -7.68 14.91
N PHE A 27 -7.68 -6.96 14.36
CA PHE A 27 -6.31 -6.97 14.89
C PHE A 27 -6.28 -6.22 16.21
N LEU A 28 -7.29 -5.39 16.41
CA LEU A 28 -7.39 -4.60 17.63
C LEU A 28 -7.73 -5.48 18.82
N VAL A 29 -8.55 -6.50 18.59
CA VAL A 29 -8.97 -7.41 19.65
C VAL A 29 -8.00 -8.58 19.84
N LYS A 30 -7.28 -8.92 18.78
CA LYS A 30 -6.31 -10.02 18.83
C LYS A 30 -5.04 -9.58 19.56
N GLY A 31 -4.62 -8.33 19.32
CA GLY A 31 -3.43 -7.79 19.95
C GLY A 31 -3.61 -7.34 21.38
N MET A 32 -4.83 -7.40 21.91
CA MET A 32 -5.09 -6.98 23.28
C MET A 32 -4.39 -7.89 24.31
N GLY A 33 -3.95 -9.07 23.87
CA GLY A 33 -3.30 -9.98 24.80
C GLY A 33 -1.78 -9.98 24.77
N VAL A 34 -1.19 -9.52 23.66
CA VAL A 34 0.26 -9.52 23.53
C VAL A 34 1.09 -8.85 24.63
N SER A 35 1.67 -9.70 25.47
CA SER A 35 2.50 -9.27 26.58
C SER A 35 3.93 -9.05 26.06
N ASP A 36 4.40 -10.03 25.28
CA ASP A 36 5.73 -10.00 24.70
C ASP A 36 5.96 -8.68 23.97
N PRO A 37 7.18 -8.13 24.04
CA PRO A 37 7.51 -6.86 23.39
C PRO A 37 7.56 -6.89 21.85
N ASP A 38 8.33 -7.83 21.30
CA ASP A 38 8.46 -7.95 19.84
C ASP A 38 7.11 -8.23 19.18
N ALA A 39 6.33 -9.13 19.77
CA ALA A 39 5.02 -9.49 19.24
C ALA A 39 4.10 -8.30 19.40
N LYS A 40 4.30 -7.55 20.47
CA LYS A 40 3.51 -6.36 20.72
C LYS A 40 3.82 -5.37 19.61
N LYS A 41 5.10 -5.26 19.28
CA LYS A 41 5.59 -4.35 18.26
C LYS A 41 5.01 -4.60 16.87
N PHE A 42 5.08 -5.83 16.40
CA PHE A 42 4.55 -6.16 15.09
C PHE A 42 3.04 -5.87 15.05
N TYR A 43 2.34 -6.18 16.14
CA TYR A 43 0.91 -5.93 16.22
C TYR A 43 0.65 -4.43 16.15
N ALA A 44 1.67 -3.62 16.45
CA ALA A 44 1.53 -2.18 16.43
C ALA A 44 1.47 -1.63 15.01
N ILE A 45 2.43 -2.04 14.19
CA ILE A 45 2.46 -1.60 12.81
C ILE A 45 1.22 -2.14 12.10
N THR A 46 1.09 -3.47 12.10
CA THR A 46 0.01 -4.20 11.46
C THR A 46 -1.42 -3.75 11.73
N THR A 47 -1.67 -3.11 12.88
CA THR A 47 -3.01 -2.64 13.19
C THR A 47 -3.12 -1.15 12.87
N LEU A 48 -1.97 -0.50 12.71
CA LEU A 48 -1.91 0.93 12.41
C LEU A 48 -2.17 1.18 10.93
N VAL A 49 -1.72 0.24 10.09
CA VAL A 49 -1.93 0.40 8.66
C VAL A 49 -3.39 0.24 8.21
N PRO A 50 -4.13 -0.75 8.77
CA PRO A 50 -5.53 -0.92 8.36
C PRO A 50 -6.42 0.22 8.85
N ALA A 51 -6.12 0.70 10.06
CA ALA A 51 -6.88 1.79 10.67
C ALA A 51 -6.86 3.02 9.77
N ILE A 52 -5.69 3.33 9.24
CA ILE A 52 -5.51 4.47 8.34
C ILE A 52 -6.27 4.26 7.03
N ALA A 53 -6.23 3.04 6.53
CA ALA A 53 -6.93 2.71 5.29
C ALA A 53 -8.41 3.01 5.43
N PHE A 54 -8.98 2.62 6.56
CA PHE A 54 -10.38 2.86 6.81
C PHE A 54 -10.65 4.35 6.78
N THR A 55 -9.89 5.08 7.59
CA THR A 55 -10.04 6.52 7.69
C THR A 55 -10.10 7.14 6.31
N MET A 56 -9.08 6.89 5.50
CA MET A 56 -9.08 7.46 4.16
C MET A 56 -10.19 6.97 3.26
N TYR A 57 -10.58 5.70 3.41
CA TYR A 57 -11.65 5.15 2.59
C TYR A 57 -12.99 5.80 2.90
N LEU A 58 -13.09 6.34 4.12
CA LEU A 58 -14.30 7.01 4.54
C LEU A 58 -14.31 8.36 3.83
N SER A 59 -13.18 9.06 3.88
CA SER A 59 -13.00 10.35 3.22
C SER A 59 -13.22 10.23 1.72
N MET A 60 -12.83 9.07 1.20
CA MET A 60 -12.94 8.75 -0.21
C MET A 60 -14.42 8.61 -0.61
N LEU A 61 -15.16 7.87 0.21
CA LEU A 61 -16.58 7.60 0.00
C LEU A 61 -17.40 8.87 0.23
N LEU A 62 -17.27 9.45 1.42
CA LEU A 62 -18.00 10.67 1.79
C LEU A 62 -17.81 11.79 0.77
N GLY A 63 -16.64 11.82 0.14
CA GLY A 63 -16.38 12.81 -0.88
C GLY A 63 -15.19 13.74 -0.67
N TYR A 64 -14.78 13.95 0.57
CA TYR A 64 -13.66 14.84 0.86
C TYR A 64 -12.44 14.57 -0.04
N GLY A 65 -12.05 13.29 -0.15
CA GLY A 65 -10.90 12.91 -0.96
C GLY A 65 -11.10 12.77 -2.46
N LEU A 66 -11.93 13.63 -3.03
CA LEU A 66 -12.23 13.61 -4.47
C LEU A 66 -12.39 15.04 -5.00
N THR A 67 -11.44 15.48 -5.80
CA THR A 67 -11.49 16.82 -6.38
C THR A 67 -11.23 16.76 -7.88
N MET A 68 -12.08 17.46 -8.64
CA MET A 68 -11.98 17.54 -10.09
C MET A 68 -10.75 18.29 -10.58
N VAL A 69 -9.99 17.66 -11.46
CA VAL A 69 -8.76 18.23 -12.00
C VAL A 69 -8.77 18.28 -13.54
N PRO A 70 -8.36 19.44 -14.10
CA PRO A 70 -8.29 19.65 -15.55
C PRO A 70 -7.25 18.76 -16.17
N PHE A 71 -7.44 18.45 -17.45
CA PHE A 71 -6.53 17.58 -18.20
C PHE A 71 -7.12 17.47 -19.59
N GLY A 72 -6.31 17.82 -20.60
CA GLY A 72 -6.81 17.78 -21.97
C GLY A 72 -7.80 18.92 -22.13
N GLY A 73 -9.09 18.60 -22.07
CA GLY A 73 -10.12 19.60 -22.19
C GLY A 73 -11.24 19.39 -21.18
N GLU A 74 -11.27 18.21 -20.56
CA GLU A 74 -12.29 17.87 -19.57
C GLU A 74 -11.73 17.71 -18.15
N GLN A 75 -12.61 17.90 -17.16
CA GLN A 75 -12.23 17.77 -15.76
C GLN A 75 -12.42 16.33 -15.28
N ASN A 76 -11.33 15.76 -14.75
CA ASN A 76 -11.30 14.38 -14.31
C ASN A 76 -11.35 14.12 -12.80
N PRO A 77 -11.87 12.95 -12.40
CA PRO A 77 -12.00 12.54 -11.00
C PRO A 77 -10.72 12.07 -10.34
N ILE A 78 -10.06 12.99 -9.65
CA ILE A 78 -8.85 12.67 -8.94
C ILE A 78 -9.23 12.09 -7.59
N TYR A 79 -8.54 11.01 -7.20
CA TYR A 79 -8.76 10.36 -5.93
C TYR A 79 -7.46 10.48 -5.13
N TRP A 80 -7.15 11.70 -4.70
CA TRP A 80 -5.94 11.99 -3.95
C TRP A 80 -5.82 11.31 -2.57
N ALA A 81 -6.96 11.04 -1.93
CA ALA A 81 -6.93 10.41 -0.61
C ALA A 81 -6.14 9.11 -0.64
N ARG A 82 -6.11 8.46 -1.80
CA ARG A 82 -5.37 7.22 -1.97
C ARG A 82 -3.89 7.48 -1.70
N TYR A 83 -3.42 8.66 -2.08
CA TYR A 83 -2.02 9.01 -1.89
C TYR A 83 -1.71 9.39 -0.45
N ALA A 84 -2.75 9.54 0.35
CA ALA A 84 -2.58 9.87 1.77
C ALA A 84 -2.49 8.55 2.52
N ASP A 85 -3.34 7.61 2.12
CA ASP A 85 -3.36 6.28 2.69
C ASP A 85 -1.98 5.71 2.42
N TRP A 86 -1.69 5.53 1.14
CA TRP A 86 -0.43 4.98 0.69
C TRP A 86 0.79 5.68 1.29
N LEU A 87 0.72 6.99 1.47
CA LEU A 87 1.85 7.73 2.03
C LEU A 87 2.35 7.19 3.37
N PHE A 88 1.44 6.73 4.21
CA PHE A 88 1.80 6.19 5.52
C PHE A 88 1.68 4.68 5.57
N THR A 89 0.58 4.18 5.04
CA THR A 89 0.33 2.75 5.03
C THR A 89 1.51 1.96 4.48
N THR A 90 2.12 2.49 3.42
CA THR A 90 3.25 1.81 2.78
C THR A 90 4.56 1.69 3.62
N PRO A 91 5.11 2.81 4.14
CA PRO A 91 6.34 2.74 4.94
C PRO A 91 6.20 1.81 6.13
N LEU A 92 5.01 1.80 6.72
CA LEU A 92 4.72 0.96 7.87
C LEU A 92 4.81 -0.51 7.51
N LEU A 93 4.30 -0.89 6.32
CA LEU A 93 4.35 -2.28 5.87
C LEU A 93 5.77 -2.74 5.55
N LEU A 94 6.62 -1.83 5.10
CA LEU A 94 8.01 -2.14 4.78
C LEU A 94 8.84 -2.23 6.06
N LEU A 95 8.55 -1.33 7.00
CA LEU A 95 9.21 -1.28 8.29
C LEU A 95 8.87 -2.57 9.03
N ASP A 96 7.69 -3.10 8.72
CA ASP A 96 7.18 -4.33 9.30
C ASP A 96 8.11 -5.47 8.90
N LEU A 97 8.22 -5.73 7.61
CA LEU A 97 9.07 -6.80 7.09
C LEU A 97 10.53 -6.71 7.52
N ALA A 98 11.08 -5.49 7.48
CA ALA A 98 12.46 -5.25 7.85
C ALA A 98 12.70 -5.47 9.35
N LEU A 99 11.64 -5.31 10.14
CA LEU A 99 11.72 -5.52 11.58
C LEU A 99 11.79 -7.03 11.84
N LEU A 100 11.04 -7.79 11.04
CA LEU A 100 11.01 -9.24 11.15
C LEU A 100 12.39 -9.72 10.73
N VAL A 101 12.69 -9.59 9.45
CA VAL A 101 13.99 -10.00 8.94
C VAL A 101 15.00 -8.92 9.32
N ASP A 102 15.44 -8.98 10.58
CA ASP A 102 16.40 -8.05 11.18
C ASP A 102 17.22 -7.31 10.13
N ALA A 103 16.86 -6.04 9.90
CA ALA A 103 17.55 -5.23 8.91
C ALA A 103 18.37 -4.08 9.51
N ASP A 104 19.10 -3.40 8.64
CA ASP A 104 19.98 -2.28 9.01
C ASP A 104 19.26 -0.93 9.02
N GLN A 105 19.80 0.06 9.73
CA GLN A 105 19.18 1.38 9.74
C GLN A 105 19.36 1.93 8.35
N GLY A 106 20.49 1.60 7.74
CA GLY A 106 20.74 2.05 6.39
C GLY A 106 19.72 1.43 5.46
N THR A 107 19.45 0.14 5.65
CA THR A 107 18.50 -0.61 4.83
C THR A 107 17.04 -0.17 4.97
N ILE A 108 16.61 0.08 6.20
CA ILE A 108 15.23 0.49 6.45
C ILE A 108 15.03 1.97 6.11
N LEU A 109 16.01 2.79 6.44
CA LEU A 109 15.94 4.24 6.16
C LEU A 109 15.94 4.53 4.68
N ALA A 110 16.55 3.66 3.90
CA ALA A 110 16.61 3.82 2.44
C ALA A 110 15.35 3.29 1.77
N LEU A 111 14.84 2.17 2.26
CA LEU A 111 13.61 1.58 1.73
C LEU A 111 12.50 2.61 1.85
N VAL A 112 12.27 3.05 3.09
CA VAL A 112 11.26 4.04 3.43
C VAL A 112 11.56 5.36 2.75
N GLY A 113 12.82 5.56 2.38
CA GLY A 113 13.21 6.77 1.72
C GLY A 113 12.77 6.70 0.26
N ALA A 114 13.07 5.58 -0.39
CA ALA A 114 12.69 5.39 -1.79
C ALA A 114 11.18 5.18 -1.95
N ASP A 115 10.54 4.77 -0.87
CA ASP A 115 9.09 4.54 -0.84
C ASP A 115 8.40 5.89 -0.79
N GLY A 116 8.96 6.78 0.01
CA GLY A 116 8.43 8.12 0.15
C GLY A 116 8.51 8.85 -1.17
N ILE A 117 9.51 8.49 -1.99
CA ILE A 117 9.68 9.09 -3.29
C ILE A 117 8.66 8.40 -4.21
N MET A 118 8.35 7.15 -3.89
CA MET A 118 7.40 6.37 -4.65
C MET A 118 6.00 6.98 -4.61
N ILE A 119 5.53 7.30 -3.41
CA ILE A 119 4.20 7.88 -3.23
C ILE A 119 4.09 9.36 -3.63
N GLY A 120 5.11 10.14 -3.29
CA GLY A 120 5.15 11.55 -3.60
C GLY A 120 5.25 11.82 -5.08
N THR A 121 6.22 11.20 -5.73
CA THR A 121 6.38 11.34 -7.17
C THR A 121 5.07 10.91 -7.85
N GLY A 122 4.46 9.87 -7.29
CA GLY A 122 3.22 9.35 -7.83
C GLY A 122 2.10 10.38 -7.81
N LEU A 123 1.92 11.03 -6.66
CA LEU A 123 0.89 12.04 -6.50
C LEU A 123 1.13 13.26 -7.41
N VAL A 124 2.39 13.70 -7.49
CA VAL A 124 2.76 14.85 -8.31
C VAL A 124 2.25 14.67 -9.72
N GLY A 125 2.41 13.47 -10.24
CA GLY A 125 1.94 13.17 -11.57
C GLY A 125 0.46 12.88 -11.60
N ALA A 126 -0.12 12.55 -10.46
CA ALA A 126 -1.55 12.26 -10.40
C ALA A 126 -2.33 13.57 -10.47
N LEU A 127 -1.68 14.64 -10.02
CA LEU A 127 -2.28 15.97 -10.02
C LEU A 127 -1.57 16.95 -10.96
N THR A 128 -0.81 16.41 -11.91
CA THR A 128 -0.08 17.27 -12.85
C THR A 128 -1.13 18.12 -13.55
N LYS A 129 -0.89 19.42 -13.61
CA LYS A 129 -1.79 20.41 -14.20
C LYS A 129 -2.75 19.80 -15.22
N VAL A 130 -2.25 19.53 -16.42
CA VAL A 130 -3.05 18.91 -17.48
C VAL A 130 -2.16 18.23 -18.49
N TYR A 131 -0.87 18.54 -18.43
CA TYR A 131 0.05 17.97 -19.39
C TYR A 131 0.24 16.46 -19.34
N SER A 132 0.56 15.88 -20.49
CA SER A 132 0.80 14.45 -20.57
C SER A 132 2.22 14.19 -20.03
N TYR A 133 2.58 14.98 -19.04
CA TYR A 133 3.85 14.86 -18.36
C TYR A 133 3.66 13.89 -17.20
N ARG A 134 2.41 13.47 -17.01
CA ARG A 134 2.00 12.53 -15.97
C ARG A 134 2.81 11.24 -16.09
N PHE A 135 2.93 10.77 -17.33
CA PHE A 135 3.66 9.55 -17.62
C PHE A 135 5.13 9.57 -17.18
N VAL A 136 5.75 10.73 -17.26
CA VAL A 136 7.15 10.84 -16.84
C VAL A 136 7.27 10.54 -15.36
N TRP A 137 6.34 11.07 -14.55
CA TRP A 137 6.35 10.83 -13.13
C TRP A 137 6.03 9.38 -12.86
N TRP A 138 5.14 8.81 -13.67
CA TRP A 138 4.80 7.41 -13.52
C TRP A 138 6.09 6.60 -13.59
N ALA A 139 6.88 6.86 -14.64
CA ALA A 139 8.14 6.18 -14.85
C ALA A 139 9.13 6.34 -13.69
N ILE A 140 9.17 7.53 -13.08
CA ILE A 140 10.07 7.77 -11.95
C ILE A 140 9.62 6.89 -10.79
N SER A 141 8.29 6.76 -10.62
CA SER A 141 7.73 5.93 -9.58
C SER A 141 8.11 4.47 -9.86
N THR A 142 8.05 4.08 -11.12
CA THR A 142 8.41 2.72 -11.52
C THR A 142 9.86 2.43 -11.11
N ALA A 143 10.75 3.37 -11.40
CA ALA A 143 12.14 3.23 -11.04
C ALA A 143 12.24 3.00 -9.53
N ALA A 144 11.60 3.89 -8.78
CA ALA A 144 11.60 3.82 -7.33
C ALA A 144 11.11 2.46 -6.85
N MET A 145 9.95 2.04 -7.34
CA MET A 145 9.40 0.76 -6.93
C MET A 145 10.29 -0.43 -7.28
N LEU A 146 11.09 -0.28 -8.33
CA LEU A 146 11.99 -1.34 -8.74
C LEU A 146 13.08 -1.51 -7.71
N TYR A 147 13.56 -0.40 -7.17
CA TYR A 147 14.59 -0.45 -6.16
C TYR A 147 14.02 -1.08 -4.91
N ILE A 148 12.78 -0.73 -4.59
CA ILE A 148 12.08 -1.23 -3.40
C ILE A 148 11.92 -2.74 -3.38
N LEU A 149 11.46 -3.29 -4.49
CA LEU A 149 11.25 -4.72 -4.60
C LEU A 149 12.57 -5.48 -4.75
N TYR A 150 13.68 -4.74 -4.85
CA TYR A 150 15.00 -5.34 -4.98
C TYR A 150 15.66 -5.55 -3.61
N VAL A 151 15.49 -4.55 -2.74
CA VAL A 151 16.00 -4.59 -1.39
C VAL A 151 15.14 -5.58 -0.62
N LEU A 152 13.88 -5.67 -1.02
CA LEU A 152 12.95 -6.60 -0.41
C LEU A 152 13.28 -8.03 -0.79
N PHE A 153 13.08 -8.35 -2.07
CA PHE A 153 13.31 -9.70 -2.59
C PHE A 153 14.67 -10.30 -2.26
N PHE A 154 15.66 -9.89 -3.05
CA PHE A 154 17.02 -10.38 -2.90
C PHE A 154 17.72 -10.05 -1.60
N GLY A 155 17.65 -8.81 -1.15
CA GLY A 155 18.32 -8.47 0.09
C GLY A 155 17.85 -9.20 1.34
N PHE A 156 16.59 -8.99 1.69
CA PHE A 156 16.04 -9.60 2.90
C PHE A 156 16.06 -11.12 2.99
N THR A 157 15.72 -11.78 1.90
CA THR A 157 15.69 -13.25 1.87
C THR A 157 17.00 -13.86 2.41
N SER A 158 18.12 -13.28 1.99
CA SER A 158 19.43 -13.74 2.42
C SER A 158 19.45 -13.68 3.95
N LYS A 159 18.93 -12.60 4.52
CA LYS A 159 18.87 -12.44 5.96
C LYS A 159 17.80 -13.33 6.54
N ALA A 160 16.88 -13.78 5.70
CA ALA A 160 15.80 -14.64 6.15
C ALA A 160 16.35 -16.03 6.41
N GLU A 161 17.53 -16.30 5.87
CA GLU A 161 18.19 -17.59 6.03
C GLU A 161 18.96 -17.69 7.36
N SER A 162 19.11 -16.55 8.04
CA SER A 162 19.82 -16.46 9.32
C SER A 162 18.83 -16.68 10.46
N MET A 163 17.61 -17.09 10.12
CA MET A 163 16.57 -17.25 11.13
C MET A 163 15.99 -18.66 11.23
N ARG A 164 15.09 -18.83 12.20
CA ARG A 164 14.40 -20.10 12.41
C ARG A 164 13.42 -20.30 11.27
N PRO A 165 13.02 -21.55 10.99
CA PRO A 165 12.08 -21.83 9.90
C PRO A 165 10.82 -20.94 9.86
N GLU A 166 10.27 -20.60 11.04
CA GLU A 166 9.08 -19.75 11.07
C GLU A 166 9.35 -18.43 10.36
N VAL A 167 10.36 -17.71 10.86
CA VAL A 167 10.78 -16.42 10.29
C VAL A 167 11.08 -16.48 8.80
N ALA A 168 11.81 -17.50 8.37
CA ALA A 168 12.11 -17.61 6.95
C ALA A 168 10.81 -17.90 6.17
N SER A 169 9.90 -18.62 6.81
CA SER A 169 8.62 -18.96 6.19
C SER A 169 7.67 -17.77 6.05
N THR A 170 7.36 -17.11 7.16
CA THR A 170 6.46 -15.97 7.11
C THR A 170 6.98 -14.93 6.17
N PHE A 171 8.29 -14.68 6.20
CA PHE A 171 8.85 -13.69 5.30
C PHE A 171 8.67 -14.13 3.86
N LYS A 172 8.83 -15.43 3.62
CA LYS A 172 8.69 -15.99 2.28
C LYS A 172 7.35 -15.57 1.68
N VAL A 173 6.26 -16.01 2.33
CA VAL A 173 4.90 -15.69 1.88
C VAL A 173 4.65 -14.19 1.84
N LEU A 174 5.11 -13.49 2.87
CA LEU A 174 4.95 -12.05 2.94
C LEU A 174 5.62 -11.35 1.77
N ARG A 175 6.86 -11.73 1.46
CA ARG A 175 7.56 -11.11 0.35
C ARG A 175 6.86 -11.44 -0.97
N ASN A 176 6.36 -12.67 -1.09
CA ASN A 176 5.64 -13.11 -2.29
C ASN A 176 4.46 -12.19 -2.48
N VAL A 177 3.58 -12.17 -1.49
CA VAL A 177 2.40 -11.35 -1.52
C VAL A 177 2.75 -9.89 -1.77
N THR A 178 3.81 -9.40 -1.12
CA THR A 178 4.23 -8.02 -1.27
C THR A 178 4.73 -7.65 -2.68
N VAL A 179 5.53 -8.50 -3.30
CA VAL A 179 6.01 -8.20 -4.64
C VAL A 179 4.88 -8.27 -5.68
N VAL A 180 4.08 -9.33 -5.63
CA VAL A 180 2.98 -9.52 -6.55
C VAL A 180 1.99 -8.38 -6.51
N LEU A 181 1.45 -8.08 -5.33
CA LEU A 181 0.47 -7.01 -5.15
C LEU A 181 0.99 -5.63 -5.55
N TRP A 182 2.22 -5.32 -5.18
CA TRP A 182 2.82 -4.04 -5.49
C TRP A 182 3.12 -3.87 -6.98
N SER A 183 3.01 -4.95 -7.76
CA SER A 183 3.25 -4.89 -9.20
C SER A 183 1.96 -4.54 -9.93
N ALA A 184 0.86 -5.09 -9.44
CA ALA A 184 -0.44 -4.85 -10.03
C ALA A 184 -0.89 -3.40 -9.87
N TYR A 185 -0.40 -2.72 -8.81
CA TYR A 185 -0.77 -1.32 -8.56
C TYR A 185 -0.47 -0.37 -9.69
N PRO A 186 0.81 -0.26 -10.08
CA PRO A 186 1.11 0.66 -11.18
C PRO A 186 0.43 0.27 -12.49
N VAL A 187 0.02 -1.00 -12.59
CA VAL A 187 -0.66 -1.49 -13.79
C VAL A 187 -2.06 -0.90 -13.83
N VAL A 188 -2.76 -0.96 -12.70
CA VAL A 188 -4.11 -0.44 -12.57
C VAL A 188 -4.14 1.07 -12.73
N TRP A 189 -3.04 1.74 -12.38
CA TRP A 189 -2.93 3.19 -12.45
C TRP A 189 -2.79 3.71 -13.89
N LEU A 190 -1.89 3.11 -14.65
CA LEU A 190 -1.64 3.48 -16.04
C LEU A 190 -2.86 3.21 -16.93
N ILE A 191 -3.50 2.06 -16.70
CA ILE A 191 -4.69 1.61 -17.44
C ILE A 191 -5.93 2.48 -17.20
N GLY A 192 -6.06 3.03 -16.00
CA GLY A 192 -7.22 3.83 -15.69
C GLY A 192 -7.09 5.33 -15.74
N SER A 193 -7.88 5.97 -14.88
CA SER A 193 -7.96 7.42 -14.74
C SER A 193 -6.69 8.22 -15.02
N GLU A 194 -5.81 8.32 -14.04
CA GLU A 194 -4.57 9.06 -14.14
C GLU A 194 -3.78 8.81 -15.44
N GLY A 195 -3.82 7.56 -15.90
CA GLY A 195 -3.12 7.18 -17.11
C GLY A 195 -3.88 7.49 -18.39
N ALA A 196 -4.38 6.46 -19.05
CA ALA A 196 -5.11 6.59 -20.31
C ALA A 196 -6.62 6.86 -20.18
N GLY A 197 -7.32 5.91 -19.57
CA GLY A 197 -8.75 6.01 -19.40
C GLY A 197 -9.42 4.78 -19.98
N ILE A 198 -8.60 3.79 -20.33
CA ILE A 198 -9.04 2.52 -20.90
C ILE A 198 -10.05 1.84 -19.97
N VAL A 199 -9.61 1.53 -18.77
CA VAL A 199 -10.50 0.92 -17.79
C VAL A 199 -11.11 2.08 -17.00
N PRO A 200 -12.46 2.16 -17.00
CA PRO A 200 -13.18 3.22 -16.28
C PRO A 200 -12.86 3.25 -14.80
N LEU A 201 -13.24 4.35 -14.16
CA LEU A 201 -13.02 4.58 -12.74
C LEU A 201 -13.72 3.52 -11.88
N ASN A 202 -14.93 3.14 -12.29
CA ASN A 202 -15.72 2.14 -11.57
C ASN A 202 -14.88 0.90 -11.33
N ILE A 203 -14.38 0.34 -12.43
CA ILE A 203 -13.55 -0.85 -12.36
C ILE A 203 -12.19 -0.57 -11.74
N GLU A 204 -11.58 0.56 -12.08
CA GLU A 204 -10.28 0.90 -11.50
C GLU A 204 -10.41 0.93 -9.99
N THR A 205 -11.41 1.65 -9.49
CA THR A 205 -11.64 1.74 -8.06
C THR A 205 -11.87 0.36 -7.43
N LEU A 206 -12.37 -0.60 -8.21
CA LEU A 206 -12.60 -1.95 -7.70
C LEU A 206 -11.25 -2.66 -7.59
N LEU A 207 -10.47 -2.57 -8.67
CA LEU A 207 -9.15 -3.19 -8.71
C LEU A 207 -8.29 -2.67 -7.58
N PHE A 208 -8.26 -1.36 -7.39
CA PHE A 208 -7.48 -0.77 -6.32
C PHE A 208 -8.02 -1.21 -4.96
N MET A 209 -9.33 -1.24 -4.80
CA MET A 209 -9.95 -1.66 -3.54
C MET A 209 -9.64 -3.13 -3.27
N VAL A 210 -9.50 -3.92 -4.34
CA VAL A 210 -9.20 -5.33 -4.21
C VAL A 210 -7.76 -5.53 -3.75
N LEU A 211 -6.82 -4.87 -4.42
CA LEU A 211 -5.41 -4.98 -4.06
C LEU A 211 -5.17 -4.37 -2.67
N ASP A 212 -6.00 -3.39 -2.32
CA ASP A 212 -5.91 -2.70 -1.04
C ASP A 212 -6.38 -3.59 0.10
N VAL A 213 -7.56 -4.18 -0.05
CA VAL A 213 -8.08 -5.07 0.97
C VAL A 213 -7.18 -6.29 1.04
N SER A 214 -6.63 -6.68 -0.11
CA SER A 214 -5.75 -7.84 -0.22
C SER A 214 -4.46 -7.64 0.54
N ALA A 215 -3.65 -6.70 0.09
CA ALA A 215 -2.37 -6.41 0.72
C ALA A 215 -2.47 -6.18 2.24
N LYS A 216 -3.13 -5.10 2.65
CA LYS A 216 -3.24 -4.75 4.07
C LYS A 216 -3.85 -5.75 5.04
N VAL A 217 -4.93 -6.41 4.65
CA VAL A 217 -5.57 -7.39 5.54
C VAL A 217 -4.94 -8.77 5.42
N GLY A 218 -4.55 -9.12 4.19
CA GLY A 218 -3.90 -10.40 3.96
C GLY A 218 -2.56 -10.41 4.68
N PHE A 219 -1.78 -9.36 4.44
CA PHE A 219 -0.46 -9.18 5.07
C PHE A 219 -0.60 -9.33 6.58
N GLY A 220 -1.66 -8.73 7.11
CA GLY A 220 -1.90 -8.80 8.53
C GLY A 220 -2.15 -10.23 8.96
N LEU A 221 -3.10 -10.90 8.33
CA LEU A 221 -3.44 -12.28 8.68
C LEU A 221 -2.27 -13.26 8.57
N ILE A 222 -1.49 -13.14 7.49
CA ILE A 222 -0.34 -14.01 7.27
C ILE A 222 0.79 -13.75 8.26
N LEU A 223 1.16 -12.49 8.46
CA LEU A 223 2.23 -12.17 9.39
C LEU A 223 1.79 -12.45 10.81
N LEU A 224 0.62 -11.92 11.17
CA LEU A 224 0.09 -12.10 12.52
C LEU A 224 0.14 -13.56 12.98
N ARG A 225 0.17 -14.47 12.02
CA ARG A 225 0.29 -15.88 12.35
C ARG A 225 1.64 -16.01 13.05
N SER A 226 1.58 -16.22 14.37
CA SER A 226 2.73 -16.38 15.27
C SER A 226 4.02 -16.81 14.58
N ARG A 227 5.07 -16.01 14.76
CA ARG A 227 6.37 -16.30 14.19
C ARG A 227 7.16 -17.30 15.06
C1 RET B . 1.13 4.14 -7.60
C2 RET B . 1.22 5.34 -8.56
C3 RET B . 1.71 5.02 -9.88
C4 RET B . 3.14 4.43 -9.78
C5 RET B . 3.31 3.45 -8.64
C6 RET B . 2.42 3.29 -7.65
C7 RET B . 2.54 2.33 -6.57
C8 RET B . 1.67 2.13 -5.56
C9 RET B . 1.75 1.19 -4.46
C10 RET B . 0.76 1.15 -3.53
C11 RET B . 0.67 0.31 -2.38
C12 RET B . -0.35 0.30 -1.50
C13 RET B . -0.58 -0.48 -0.33
C14 RET B . -1.72 -0.22 0.36
C15 RET B . -2.24 -0.80 1.51
C16 RET B . 0.87 4.65 -6.18
C17 RET B . -0.08 3.33 -8.09
C18 RET B . 4.59 2.66 -8.80
C19 RET B . 2.95 0.29 -4.40
C20 RET B . 0.43 -1.52 0.08
C1 DPG C . -1.77 -3.31 25.77
C2 DPG C . -1.32 -4.70 25.32
C3 DPG C . -0.18 -5.27 26.19
C4 DPG C . 1.36 -6.42 31.26
C5 DPG C . 2.42 -5.24 31.57
C6 DPG C . 2.66 -5.07 33.09
C11 DPG C . -4.25 -3.48 26.03
C12 DPG C . -4.70 -2.11 25.38
C13 DPG C . -6.03 -2.12 24.54
C14 DPG C . -6.36 -3.53 24.15
C15 DPG C . -7.17 -1.47 25.29
C16 DPG C . -8.31 -0.81 24.46
C17 DPG C . -9.47 -0.13 25.26
C18 DPG C . -10.15 1.15 24.69
C19 DPG C . -9.14 2.28 24.51
C20 DPG C . -11.28 1.68 25.61
C21 DPG C . -12.21 2.60 24.81
C41 DPG C . -0.30 -3.63 23.18
C42 DPG C . -0.63 -3.79 21.63
C43 DPG C . -0.48 -2.57 20.64
C44 DPG C . 1.05 -2.52 20.26
C45 DPG C . -1.54 -2.59 19.43
C46 DPG C . -1.36 -1.65 18.14
C47 DPG C . -2.61 -1.07 17.43
C48 DPG C . -2.85 0.47 17.24
C49 DPG C . -2.84 1.22 18.59
C50 DPG C . -4.19 0.68 16.48
C51 DPG C . -4.74 2.12 16.47
C52 DPG C . -6.23 2.20 16.76
C53 DPG C . -6.77 3.56 17.37
C54 DPG C . -6.89 4.71 16.34
C55 DPG C . -8.02 3.33 18.29
C56 DPG C . -9.32 3.07 17.52
C57 DPG C . -10.66 3.15 18.28
C58 DPG C . -11.83 2.84 17.27
C59 DPG C . -11.81 1.45 16.56
C60 DPG C . -13.27 3.18 17.79
O1 DPG C . -2.91 -3.38 26.69
O2 DPG C . -0.92 -4.77 23.88
O3 DPG C . -0.43 -5.30 27.68
O4 DPG C . 1.75 -4.51 28.60
O5 DPG C . 1.64 -6.98 28.04
O6 DPG C . 0.39 -6.14 30.12
O7 DPG C . 1.88 -3.97 31.14
O8 DPG C . 3.29 -6.18 33.81
O9 DPG C . 3.50 -8.04 35.67
O10 DPG C . 1.99 -6.01 36.11
O11 DPG C . 1.40 -7.83 34.42
P1 DPG C . 0.91 -5.76 28.58
P2 DPG C . 2.54 -7.03 35.06
#